data_4CUR
#
_entry.id   4CUR
#
_cell.length_a   81.100
_cell.length_b   96.600
_cell.length_c   57.930
_cell.angle_alpha   90.00
_cell.angle_beta   90.00
_cell.angle_gamma   90.00
#
_symmetry.space_group_name_H-M   'C 2 2 21'
#
loop_
_entity.id
_entity.type
_entity.pdbx_description
1 polymer 'BROMODOMAIN ADJACENT TO ZINC FINGER DOMAIN PROTEIN 2B'
2 non-polymer 1,2-ETHANEDIOL
3 non-polymer 2-(hydroxymethyl)-6-methylpyridin-3-ol
4 water water
#
_entity_poly.entity_id   1
_entity_poly.type   'polypeptide(L)'
_entity_poly.pdbx_seq_one_letter_code
;SMSVKKPKRDDSKDLALCSMILTEMETHEDAWPFLLPVNLKLVPGYKKVIKKPMDFSTIREKLSSGQYPNLETFALDVRL
VFDNCETFNEDDSDIGRAGHNMRKYFEKKWTDTFKVS
;
_entity_poly.pdbx_strand_id   A
#
loop_
_chem_comp.id
_chem_comp.type
_chem_comp.name
_chem_comp.formula
EDO non-polymer 1,2-ETHANEDIOL 'C2 H6 O2'
LA7 non-polymer 2-(hydroxymethyl)-6-methylpyridin-3-ol 'C7 H9 N O2'
#
# COMPACT_ATOMS: atom_id res chain seq x y z
N SER A 1 -28.70 0.94 12.21
CA SER A 1 -28.80 0.57 13.62
C SER A 1 -29.42 -0.80 13.76
N MET A 2 -29.72 -1.21 14.99
CA MET A 2 -30.24 -2.54 15.24
C MET A 2 -31.46 -2.85 14.39
N SER A 3 -31.35 -3.89 13.55
CA SER A 3 -32.41 -4.33 12.64
C SER A 3 -32.74 -3.32 11.53
N VAL A 4 -31.82 -2.41 11.26
CA VAL A 4 -31.99 -1.44 10.18
C VAL A 4 -30.76 -1.54 9.33
N LYS A 5 -30.86 -2.33 8.26
CA LYS A 5 -29.71 -2.68 7.46
C LYS A 5 -29.56 -1.76 6.25
N LYS A 6 -28.35 -1.27 6.06
CA LYS A 6 -28.00 -0.44 4.93
C LYS A 6 -27.65 -1.35 3.77
N PRO A 7 -28.15 -1.05 2.55
CA PRO A 7 -27.71 -1.81 1.38
C PRO A 7 -26.19 -1.78 1.29
N LYS A 8 -25.57 -2.92 1.05
CA LYS A 8 -24.11 -3.00 1.09
C LYS A 8 -23.52 -3.45 -0.25
N ARG A 9 -22.30 -2.98 -0.52
CA ARG A 9 -21.53 -3.44 -1.68
C ARG A 9 -21.48 -4.95 -1.78
N ASP A 10 -21.41 -5.45 -3.00
CA ASP A 10 -20.93 -6.79 -3.23
C ASP A 10 -19.41 -6.75 -3.04
N ASP A 11 -18.93 -7.40 -1.98
CA ASP A 11 -17.50 -7.36 -1.64
C ASP A 11 -16.80 -8.68 -1.96
N SER A 12 -17.52 -9.57 -2.63
CA SER A 12 -17.04 -10.93 -2.89
C SER A 12 -15.80 -10.99 -3.77
N LYS A 13 -15.57 -9.97 -4.58
CA LYS A 13 -14.42 -9.99 -5.47
C LYS A 13 -13.27 -9.13 -4.96
N ASP A 14 -13.44 -8.50 -3.80
CA ASP A 14 -12.43 -7.55 -3.30
C ASP A 14 -11.05 -8.18 -3.15
N LEU A 15 -11.01 -9.40 -2.62
CA LEU A 15 -9.74 -10.07 -2.37
C LEU A 15 -8.97 -10.25 -3.67
N ALA A 16 -9.63 -10.78 -4.69
CA ALA A 16 -9.03 -10.96 -6.01
C ALA A 16 -8.61 -9.63 -6.64
N LEU A 17 -9.44 -8.61 -6.47
CA LEU A 17 -9.18 -7.31 -7.08
C LEU A 17 -7.99 -6.62 -6.42
N CYS A 18 -7.91 -6.69 -5.10
CA CYS A 18 -6.75 -6.13 -4.40
C CYS A 18 -5.47 -6.87 -4.77
N SER A 19 -5.56 -8.17 -4.95
CA SER A 19 -4.40 -8.94 -5.37
C SER A 19 -3.93 -8.52 -6.76
N MET A 20 -4.88 -8.27 -7.68
CA MET A 20 -4.52 -7.82 -9.02
C MET A 20 -3.86 -6.45 -8.99
N ILE A 21 -4.44 -5.52 -8.22
CA ILE A 21 -3.84 -4.20 -8.05
C ILE A 21 -2.44 -4.29 -7.46
N LEU A 22 -2.26 -5.14 -6.45
CA LEU A 22 -0.96 -5.26 -5.81
C LEU A 22 0.06 -5.83 -6.81
N THR A 23 -0.38 -6.77 -7.66
CA THR A 23 0.49 -7.30 -8.70
C THR A 23 0.95 -6.20 -9.67
N GLU A 24 0.03 -5.33 -10.05
CA GLU A 24 0.39 -4.20 -10.91
C GLU A 24 1.40 -3.30 -10.20
N MET A 25 1.21 -3.10 -8.91
CA MET A 25 2.15 -2.30 -8.13
C MET A 25 3.54 -2.94 -8.12
N GLU A 26 3.59 -4.23 -7.83
CA GLU A 26 4.84 -4.98 -7.76
C GLU A 26 5.63 -5.00 -9.06
N THR A 27 4.94 -4.86 -10.19
CA THR A 27 5.60 -5.00 -11.49
C THR A 27 5.93 -3.64 -12.14
N HIS A 28 5.48 -2.56 -11.50
CA HIS A 28 5.82 -1.21 -11.94
C HIS A 28 7.34 -0.99 -11.87
N GLU A 29 7.94 -0.33 -12.85
CA GLU A 29 9.39 -0.21 -12.83
C GLU A 29 9.88 0.64 -11.66
N ASP A 30 9.01 1.48 -11.11
CA ASP A 30 9.42 2.30 -9.96
C ASP A 30 9.07 1.67 -8.64
N ALA A 31 8.76 0.37 -8.62
CA ALA A 31 8.40 -0.28 -7.37
C ALA A 31 9.62 -0.70 -6.54
N TRP A 32 10.80 -0.61 -7.13
CA TRP A 32 12.00 -1.16 -6.48
C TRP A 32 12.28 -0.65 -5.05
N PRO A 33 11.89 0.59 -4.71
CA PRO A 33 12.23 0.93 -3.33
C PRO A 33 11.29 0.26 -2.31
N PHE A 34 10.21 -0.35 -2.79
CA PHE A 34 9.12 -0.74 -1.90
C PHE A 34 8.83 -2.24 -1.89
N LEU A 35 9.66 -3.03 -2.56
CA LEU A 35 9.36 -4.46 -2.70
C LEU A 35 9.65 -5.23 -1.43
N LEU A 36 10.67 -4.80 -0.69
CA LEU A 36 11.11 -5.48 0.53
C LEU A 36 11.18 -4.48 1.68
N PRO A 37 11.11 -4.97 2.94
CA PRO A 37 11.24 -4.03 4.07
C PRO A 37 12.54 -3.23 4.00
N VAL A 38 12.49 -2.00 4.45
CA VAL A 38 13.73 -1.22 4.62
C VAL A 38 14.58 -1.94 5.66
N ASN A 39 15.86 -2.09 5.38
CA ASN A 39 16.76 -2.78 6.30
C ASN A 39 17.07 -1.91 7.52
N LEU A 40 16.48 -2.23 8.65
CA LEU A 40 16.59 -1.40 9.85
C LEU A 40 17.99 -1.40 10.42
N LYS A 41 18.77 -2.41 10.07
CA LYS A 41 20.13 -2.51 10.61
C LYS A 41 21.13 -1.72 9.76
N LEU A 42 20.75 -1.42 8.52
CA LEU A 42 21.67 -0.76 7.60
C LEU A 42 21.27 0.67 7.27
N VAL A 43 20.05 1.05 7.61
CA VAL A 43 19.56 2.39 7.30
C VAL A 43 19.40 3.23 8.54
N PRO A 44 20.34 4.17 8.76
CA PRO A 44 20.36 5.05 9.93
C PRO A 44 19.10 5.90 10.04
N GLY A 45 18.53 5.96 11.23
CA GLY A 45 17.36 6.79 11.47
C GLY A 45 16.03 6.09 11.25
N TYR A 46 15.99 5.10 10.37
CA TYR A 46 14.69 4.56 9.94
C TYR A 46 13.84 4.03 11.07
N LYS A 47 14.45 3.24 11.95
CA LYS A 47 13.72 2.55 13.01
C LYS A 47 13.08 3.54 13.98
N LYS A 48 13.81 4.60 14.33
CA LYS A 48 13.33 5.59 15.27
C LYS A 48 12.30 6.54 14.66
N VAL A 49 12.47 6.86 13.38
CA VAL A 49 11.66 7.87 12.73
C VAL A 49 10.34 7.31 12.19
N ILE A 50 10.40 6.14 11.56
CA ILE A 50 9.21 5.55 10.93
C ILE A 50 8.57 4.54 11.88
N LYS A 51 7.48 4.94 12.52
CA LYS A 51 6.86 4.14 13.58
C LYS A 51 6.21 2.86 13.09
N LYS A 52 5.71 2.86 11.86
CA LYS A 52 5.07 1.67 11.28
C LYS A 52 5.59 1.41 9.88
N PRO A 53 6.73 0.71 9.77
CA PRO A 53 7.28 0.36 8.45
C PRO A 53 6.30 -0.49 7.66
N MET A 54 6.27 -0.32 6.35
CA MET A 54 5.41 -1.15 5.52
C MET A 54 6.04 -1.25 4.14
N ASP A 55 5.81 -2.37 3.46
CA ASP A 55 6.35 -2.57 2.12
C ASP A 55 5.45 -3.55 1.38
N PHE A 56 5.66 -3.70 0.07
CA PHE A 56 4.74 -4.51 -0.73
C PHE A 56 4.80 -5.99 -0.35
N SER A 57 5.97 -6.49 0.02
CA SER A 57 6.06 -7.93 0.35
C SER A 57 5.27 -8.23 1.62
N THR A 58 5.29 -7.30 2.56
CA THR A 58 4.53 -7.44 3.80
C THR A 58 3.03 -7.36 3.52
N ILE A 59 2.63 -6.46 2.63
CA ILE A 59 1.24 -6.36 2.24
C ILE A 59 0.78 -7.63 1.56
N ARG A 60 1.63 -8.17 0.68
CA ARG A 60 1.30 -9.40 -0.04
C ARG A 60 1.12 -10.55 0.95
N GLU A 61 1.97 -10.61 1.96
CA GLU A 61 1.87 -11.67 2.96
C GLU A 61 0.56 -11.57 3.75
N LYS A 62 0.21 -10.35 4.15
CA LYS A 62 -1.01 -10.11 4.92
C LYS A 62 -2.25 -10.42 4.09
N LEU A 63 -2.24 -10.01 2.83
CA LEU A 63 -3.35 -10.29 1.91
C LEU A 63 -3.54 -11.80 1.69
N SER A 64 -2.42 -12.52 1.62
CA SER A 64 -2.46 -13.97 1.37
C SER A 64 -2.82 -14.80 2.61
N SER A 65 -2.87 -14.17 3.77
CA SER A 65 -3.10 -14.90 5.02
C SER A 65 -4.27 -14.33 5.80
N GLY A 66 -5.16 -13.61 5.10
CA GLY A 66 -6.40 -13.18 5.71
C GLY A 66 -6.26 -12.10 6.78
N GLN A 67 -5.26 -11.24 6.65
CA GLN A 67 -4.99 -10.27 7.69
C GLN A 67 -5.57 -8.89 7.40
N TYR A 68 -6.25 -8.73 6.27
CA TYR A 68 -7.05 -7.53 6.01
C TYR A 68 -8.53 -7.85 6.15
N PRO A 69 -9.21 -7.19 7.09
CA PRO A 69 -10.65 -7.39 7.30
C PRO A 69 -11.48 -6.89 6.11
N ASN A 70 -11.00 -5.87 5.42
CA ASN A 70 -11.75 -5.27 4.31
C ASN A 70 -10.85 -4.46 3.39
N LEU A 71 -11.46 -3.98 2.31
N LEU A 71 -11.39 -3.93 2.30
CA LEU A 71 -10.80 -3.12 1.31
CA LEU A 71 -10.51 -3.25 1.34
C LEU A 71 -9.95 -2.03 1.93
C LEU A 71 -9.94 -1.93 1.85
N GLU A 72 -10.60 -1.27 2.80
CA GLU A 72 -10.04 -0.03 3.32
C GLU A 72 -8.79 -0.25 4.16
N THR A 73 -8.70 -1.38 4.87
CA THR A 73 -7.50 -1.66 5.66
C THR A 73 -6.34 -1.98 4.73
N PHE A 74 -6.64 -2.60 3.59
CA PHE A 74 -5.63 -2.84 2.56
C PHE A 74 -5.11 -1.50 2.00
N ALA A 75 -6.03 -0.63 1.62
CA ALA A 75 -5.63 0.68 1.09
C ALA A 75 -4.86 1.51 2.12
N LEU A 76 -5.19 1.36 3.40
CA LEU A 76 -4.44 2.07 4.44
C LEU A 76 -2.97 1.66 4.47
N ASP A 77 -2.71 0.36 4.31
CA ASP A 77 -1.33 -0.14 4.32
C ASP A 77 -0.59 0.28 3.07
N VAL A 78 -1.27 0.28 1.92
CA VAL A 78 -0.60 0.74 0.71
C VAL A 78 -0.21 2.21 0.87
N ARG A 79 -1.13 3.02 1.37
CA ARG A 79 -0.86 4.46 1.49
C ARG A 79 0.23 4.71 2.52
N LEU A 80 0.28 3.83 3.52
CA LEU A 80 1.32 3.92 4.55
C LEU A 80 2.70 3.79 3.94
N VAL A 81 2.84 2.91 2.94
CA VAL A 81 4.11 2.78 2.23
C VAL A 81 4.56 4.13 1.68
N PHE A 82 3.64 4.85 1.06
CA PHE A 82 4.02 6.11 0.42
C PHE A 82 4.10 7.25 1.42
N ASP A 83 3.34 7.17 2.51
CA ASP A 83 3.46 8.19 3.56
C ASP A 83 4.80 8.09 4.25
N ASN A 84 5.26 6.86 4.50
CA ASN A 84 6.59 6.63 5.08
C ASN A 84 7.69 7.14 4.16
N CYS A 85 7.53 6.88 2.87
CA CYS A 85 8.49 7.33 1.87
C CYS A 85 8.63 8.84 1.90
N GLU A 86 7.50 9.54 1.97
CA GLU A 86 7.50 11.01 1.96
C GLU A 86 8.12 11.60 3.22
N THR A 87 7.96 10.89 4.33
CA THR A 87 8.51 11.32 5.61
C THR A 87 10.04 11.26 5.59
N PHE A 88 10.57 10.21 4.98
CA PHE A 88 11.99 9.93 5.11
C PHE A 88 12.84 10.44 3.95
N ASN A 89 12.21 10.65 2.79
CA ASN A 89 12.95 10.99 1.57
C ASN A 89 12.56 12.33 0.99
N GLU A 90 13.55 13.10 0.54
CA GLU A 90 13.30 14.34 -0.17
C GLU A 90 12.50 14.06 -1.45
N ASP A 91 11.55 14.94 -1.76
CA ASP A 91 10.77 14.83 -2.99
C ASP A 91 11.69 14.73 -4.20
N ASP A 92 12.79 15.47 -4.16
CA ASP A 92 13.71 15.55 -5.30
C ASP A 92 14.46 14.25 -5.58
N SER A 93 14.51 13.36 -4.60
CA SER A 93 15.37 12.17 -4.71
C SER A 93 14.75 11.10 -5.60
N ASP A 94 15.56 10.13 -6.02
CA ASP A 94 15.07 9.02 -6.84
C ASP A 94 13.98 8.25 -6.11
N ILE A 95 14.21 7.91 -4.85
CA ILE A 95 13.23 7.17 -4.07
C ILE A 95 11.99 8.03 -3.85
N GLY A 96 12.22 9.29 -3.49
CA GLY A 96 11.15 10.25 -3.28
C GLY A 96 10.24 10.37 -4.49
N ARG A 97 10.82 10.52 -5.67
N ARG A 97 10.85 10.52 -5.67
CA ARG A 97 10.04 10.60 -6.91
CA ARG A 97 10.11 10.57 -6.93
C ARG A 97 9.31 9.29 -7.20
C ARG A 97 9.32 9.30 -7.17
N ALA A 98 9.99 8.17 -6.95
CA ALA A 98 9.35 6.85 -7.10
C ALA A 98 8.08 6.73 -6.26
N GLY A 99 8.14 7.19 -5.02
CA GLY A 99 6.98 7.17 -4.15
C GLY A 99 5.82 7.99 -4.68
N HIS A 100 6.07 9.22 -5.11
CA HIS A 100 5.02 10.04 -5.67
C HIS A 100 4.39 9.38 -6.91
N ASN A 101 5.23 8.80 -7.76
CA ASN A 101 4.75 8.12 -8.97
C ASN A 101 3.87 6.92 -8.61
N MET A 102 4.31 6.14 -7.63
CA MET A 102 3.59 4.92 -7.25
C MET A 102 2.29 5.24 -6.53
N ARG A 103 2.26 6.32 -5.78
CA ARG A 103 1.04 6.74 -5.12
C ARG A 103 -0.02 7.11 -6.16
N LYS A 104 0.38 7.92 -7.12
CA LYS A 104 -0.52 8.34 -8.19
C LYS A 104 -1.02 7.12 -8.96
N TYR A 105 -0.09 6.21 -9.24
CA TYR A 105 -0.41 4.99 -9.98
C TYR A 105 -1.46 4.17 -9.23
N PHE A 106 -1.23 3.99 -7.93
CA PHE A 106 -2.17 3.24 -7.09
C PHE A 106 -3.54 3.88 -7.06
N GLU A 107 -3.61 5.18 -6.77
CA GLU A 107 -4.89 5.84 -6.56
C GLU A 107 -5.75 5.80 -7.82
N LYS A 108 -5.12 5.84 -9.00
CA LYS A 108 -5.87 5.70 -10.26
C LYS A 108 -6.44 4.27 -10.37
N LYS A 109 -5.62 3.26 -10.09
CA LYS A 109 -6.11 1.88 -10.13
C LYS A 109 -7.23 1.69 -9.13
N TRP A 110 -7.08 2.31 -7.96
CA TRP A 110 -8.07 2.17 -6.89
C TRP A 110 -9.42 2.74 -7.31
N THR A 111 -9.40 3.97 -7.81
CA THR A 111 -10.63 4.61 -8.28
C THR A 111 -11.25 3.85 -9.43
N ASP A 112 -10.43 3.46 -10.40
CA ASP A 112 -10.93 2.78 -11.58
C ASP A 112 -11.52 1.40 -11.23
N THR A 113 -11.04 0.79 -10.15
CA THR A 113 -11.48 -0.55 -9.78
C THR A 113 -12.71 -0.54 -8.88
N PHE A 114 -12.77 0.38 -7.93
CA PHE A 114 -13.84 0.36 -6.93
C PHE A 114 -14.77 1.58 -6.94
N LYS A 115 -14.40 2.61 -7.69
CA LYS A 115 -15.21 3.83 -7.74
C LYS A 115 -15.63 4.18 -9.17
C1 EDO B . -6.83 -4.25 -11.96
O1 EDO B . -8.07 -4.89 -11.61
C2 EDO B . -7.01 -2.73 -11.95
O2 EDO B . -8.02 -2.34 -12.89
O1 LA7 C . 12.40 5.25 2.53
C4 LA7 C . 13.05 4.19 1.86
C3 LA7 C . 12.33 3.39 0.97
C2 LA7 C . 13.02 2.35 0.33
C5 LA7 C . 14.39 3.91 2.09
C6 LA7 C . 15.17 4.76 3.06
O LA7 C . 15.93 5.66 2.28
N LA7 C . 15.01 2.92 1.47
C1 LA7 C . 14.37 2.15 0.62
C LA7 C . 15.10 1.02 -0.08
#